data_8AOL
#
_entry.id   8AOL
#
_cell.length_a   133.174
_cell.length_b   133.174
_cell.length_c   70.572
_cell.angle_alpha   90.000
_cell.angle_beta   90.000
_cell.angle_gamma   120.000
#
_symmetry.space_group_name_H-M   'P 62 2 2'
#
loop_
_entity.id
_entity.type
_entity.pdbx_description
1 polymer SlpX
2 non-polymer 'ZINC ION'
3 non-polymer 'PHOSPHATE ION'
4 non-polymer 'CALCIUM ION'
5 non-polymer 'ACETATE ION'
6 non-polymer DI(HYDROXYETHYL)ETHER
7 water water
#
_entity_poly.entity_id   1
_entity_poly.type   'polypeptide(L)'
_entity_poly.pdbx_seq_one_letter_code
;MAALVKPAGDTNVKTYPVMVDSRAYDKNGNYLGHMYYAYDNIDIVPTVVTINGKTYYKVANKDEYVRVTNITGNQRTLKH
NAYIYWSSYRRTPGTGKMYRGQTVTTYGPQMKFKNGKKYYRIEGCRNNNKRYIKAVNFYHHHHHH
;
_entity_poly.pdbx_strand_id   A
#
# COMPACT_ATOMS: atom_id res chain seq x y z
N ASP A 10 -0.16 -4.32 26.22
CA ASP A 10 -0.73 -3.30 25.27
C ASP A 10 -2.23 -3.59 25.19
N THR A 11 -3.10 -2.65 25.56
CA THR A 11 -4.54 -2.94 25.71
C THR A 11 -5.34 -2.37 24.53
N ASN A 12 -4.74 -1.46 23.76
CA ASN A 12 -5.41 -0.82 22.61
C ASN A 12 -4.83 -1.40 21.31
N VAL A 13 -5.57 -2.33 20.69
CA VAL A 13 -5.00 -3.14 19.59
C VAL A 13 -6.06 -3.32 18.51
N LYS A 14 -5.62 -3.10 17.29
CA LYS A 14 -6.45 -3.34 16.08
C LYS A 14 -5.73 -4.40 15.25
N THR A 15 -6.50 -5.10 14.45
CA THR A 15 -5.99 -6.15 13.54
C THR A 15 -6.22 -5.71 12.10
N TYR A 16 -5.21 -5.78 11.26
CA TYR A 16 -5.34 -5.44 9.83
C TYR A 16 -4.51 -6.40 9.03
N PRO A 17 -4.91 -6.72 7.79
CA PRO A 17 -4.04 -7.46 6.88
C PRO A 17 -2.81 -6.61 6.55
N VAL A 18 -1.65 -7.20 6.58
CA VAL A 18 -0.45 -6.58 5.98
C VAL A 18 -0.68 -6.58 4.47
N MET A 19 -0.66 -5.41 3.85
CA MET A 19 -0.98 -5.25 2.40
C MET A 19 0.30 -5.16 1.58
N VAL A 20 1.42 -4.88 2.24
CA VAL A 20 2.78 -4.86 1.63
C VAL A 20 3.81 -5.37 2.63
N ASP A 21 4.72 -6.22 2.17
CA ASP A 21 5.79 -6.80 3.02
C ASP A 21 6.41 -5.61 3.73
N SER A 22 6.32 -5.59 5.06
CA SER A 22 6.76 -4.47 5.92
C SER A 22 8.09 -4.85 6.58
N ARG A 23 9.16 -4.09 6.34
CA ARG A 23 10.35 -4.14 7.22
C ARG A 23 9.95 -3.70 8.64
N ALA A 24 10.54 -4.37 9.64
CA ALA A 24 10.38 -4.08 11.09
C ALA A 24 11.56 -3.23 11.55
N TYR A 25 11.25 -2.20 12.33
CA TYR A 25 12.17 -1.08 12.67
C TYR A 25 12.11 -0.89 14.19
N ASP A 26 13.25 -0.56 14.81
CA ASP A 26 13.29 -0.14 16.23
C ASP A 26 12.72 1.27 16.33
N LYS A 27 12.57 1.81 17.53
CA LYS A 27 12.03 3.18 17.73
C LYS A 27 12.92 4.20 17.02
N ASN A 28 14.13 3.86 16.60
CA ASN A 28 15.07 4.83 15.98
C ASN A 28 15.07 4.68 14.45
N GLY A 29 14.23 3.82 13.89
CA GLY A 29 14.17 3.61 12.43
C GLY A 29 15.32 2.78 11.86
N ASN A 30 16.01 1.98 12.69
CA ASN A 30 16.91 0.87 12.25
C ASN A 30 16.10 -0.42 12.00
N TYR A 31 16.31 -0.97 10.82
CA TYR A 31 15.75 -2.26 10.36
C TYR A 31 16.27 -3.34 11.29
N LEU A 32 15.39 -4.18 11.87
CA LEU A 32 15.72 -5.32 12.78
C LEU A 32 16.06 -6.61 12.01
N GLY A 33 16.07 -6.63 10.68
CA GLY A 33 16.40 -7.84 9.90
C GLY A 33 15.24 -8.84 9.76
N HIS A 34 14.02 -8.56 10.20
CA HIS A 34 12.87 -9.40 9.79
C HIS A 34 11.73 -8.53 9.26
N MET A 35 10.78 -9.19 8.61
CA MET A 35 9.59 -8.56 8.00
C MET A 35 8.30 -9.20 8.51
N TYR A 36 7.22 -8.44 8.44
CA TYR A 36 5.82 -8.92 8.40
C TYR A 36 5.41 -9.06 6.92
N TYR A 37 4.65 -10.11 6.60
CA TYR A 37 4.39 -10.56 5.22
C TYR A 37 2.92 -10.38 4.86
N ALA A 38 2.71 -9.85 3.66
CA ALA A 38 1.38 -9.74 3.05
C ALA A 38 0.95 -11.15 2.70
N TYR A 39 -0.28 -11.58 3.00
CA TYR A 39 -1.37 -10.73 3.47
C TYR A 39 -1.78 -11.27 4.85
N ASP A 40 -0.79 -11.54 5.70
CA ASP A 40 -1.04 -12.09 7.06
C ASP A 40 -1.67 -10.98 7.90
N ASN A 41 -2.50 -11.33 8.86
CA ASN A 41 -2.93 -10.31 9.83
C ASN A 41 -1.74 -9.90 10.70
N ILE A 42 -1.80 -8.68 11.20
CA ILE A 42 -0.87 -8.13 12.20
C ILE A 42 -1.72 -7.40 13.22
N ASP A 43 -1.26 -7.44 14.46
CA ASP A 43 -1.86 -6.72 15.60
C ASP A 43 -0.95 -5.52 15.85
N ILE A 44 -1.56 -4.34 15.88
CA ILE A 44 -0.86 -3.05 16.06
C ILE A 44 -1.59 -2.25 17.12
N VAL A 45 -0.83 -1.38 17.79
CA VAL A 45 -1.35 -0.20 18.52
C VAL A 45 -1.61 0.87 17.46
N PRO A 46 -2.90 1.28 17.30
CA PRO A 46 -3.33 2.12 16.18
C PRO A 46 -3.10 3.61 16.43
N THR A 47 -1.89 3.97 16.81
CA THR A 47 -1.48 5.34 17.21
C THR A 47 -0.29 5.68 16.32
N VAL A 48 -0.36 6.78 15.57
CA VAL A 48 0.68 7.02 14.54
C VAL A 48 1.92 7.50 15.29
N VAL A 49 3.07 7.03 14.84
CA VAL A 49 4.36 7.35 15.48
C VAL A 49 5.28 7.82 14.37
N THR A 50 5.83 9.03 14.52
CA THR A 50 6.75 9.62 13.53
C THR A 50 8.17 9.29 13.96
N ILE A 51 8.99 8.92 12.99
CA ILE A 51 10.42 8.56 13.20
C ILE A 51 11.12 8.98 11.92
N ASN A 52 12.00 9.98 12.00
CA ASN A 52 12.78 10.54 10.86
C ASN A 52 11.87 10.82 9.68
N GLY A 53 10.71 11.41 9.95
CA GLY A 53 9.84 12.03 8.92
C GLY A 53 8.77 11.10 8.41
N LYS A 54 8.80 9.84 8.86
CA LYS A 54 7.95 8.75 8.30
C LYS A 54 7.05 8.26 9.43
N THR A 55 5.86 7.78 9.05
CA THR A 55 4.83 7.30 10.01
C THR A 55 4.84 5.76 10.11
N TYR A 56 4.71 5.30 11.35
CA TYR A 56 4.73 3.88 11.75
C TYR A 56 3.61 3.62 12.75
N TYR A 57 3.28 2.34 12.85
CA TYR A 57 2.57 1.75 14.00
C TYR A 57 3.55 0.82 14.71
N LYS A 58 3.42 0.81 16.04
CA LYS A 58 4.07 -0.16 16.95
C LYS A 58 3.28 -1.46 16.84
N VAL A 59 4.01 -2.55 16.67
CA VAL A 59 3.40 -3.89 16.68
C VAL A 59 3.00 -4.19 18.12
N ALA A 60 1.86 -4.82 18.33
CA ALA A 60 1.37 -5.13 19.69
C ALA A 60 2.39 -6.03 20.41
N ASN A 61 2.76 -5.64 21.62
CA ASN A 61 3.62 -6.40 22.58
C ASN A 61 5.04 -6.61 22.02
N LYS A 62 5.49 -5.72 21.14
CA LYS A 62 6.87 -5.76 20.59
C LYS A 62 7.37 -4.32 20.49
N ASP A 63 8.66 -4.08 20.74
CA ASP A 63 9.27 -2.76 20.51
C ASP A 63 9.69 -2.78 19.04
N GLU A 64 8.71 -2.94 18.15
CA GLU A 64 8.89 -3.04 16.68
C GLU A 64 7.91 -2.07 16.00
N TYR A 65 8.36 -1.51 14.88
CA TYR A 65 7.55 -0.51 14.15
C TYR A 65 7.47 -0.90 12.68
N VAL A 66 6.26 -0.76 12.13
CA VAL A 66 5.99 -0.97 10.68
C VAL A 66 5.31 0.27 10.11
N ARG A 67 5.62 0.55 8.84
CA ARG A 67 5.14 1.73 8.06
C ARG A 67 3.63 1.65 7.90
N VAL A 68 2.92 2.68 8.36
CA VAL A 68 1.44 2.87 8.20
C VAL A 68 1.01 2.65 6.76
N THR A 69 1.79 3.16 5.80
CA THR A 69 1.48 3.03 4.36
C THR A 69 1.24 1.55 4.01
N ASN A 70 1.92 0.63 4.68
CA ASN A 70 1.86 -0.82 4.34
C ASN A 70 0.65 -1.47 4.98
N ILE A 71 -0.01 -0.79 5.90
CA ILE A 71 -1.04 -1.41 6.77
C ILE A 71 -2.40 -0.80 6.46
N THR A 72 -2.59 0.46 6.84
CA THR A 72 -3.84 1.24 6.64
C THR A 72 -3.72 2.08 5.35
N GLY A 73 -2.52 2.25 4.81
CA GLY A 73 -2.34 2.80 3.45
C GLY A 73 -2.71 4.27 3.35
N ASN A 74 -3.01 4.75 2.13
CA ASN A 74 -3.12 6.18 1.75
C ASN A 74 -4.42 6.39 0.99
N GLN A 75 -5.21 7.39 1.38
CA GLN A 75 -6.34 7.93 0.58
C GLN A 75 -5.79 8.75 -0.60
N ARG A 76 -6.11 8.36 -1.82
CA ARG A 76 -5.61 9.07 -3.03
C ARG A 76 -6.82 9.30 -3.92
N THR A 77 -6.88 10.46 -4.60
CA THR A 77 -8.00 10.85 -5.49
C THR A 77 -7.54 10.69 -6.93
N LEU A 78 -8.26 9.92 -7.74
CA LEU A 78 -7.95 9.83 -9.19
C LEU A 78 -8.07 11.18 -9.93
N LYS A 79 -7.10 11.46 -10.78
CA LYS A 79 -7.11 12.66 -11.64
C LYS A 79 -7.45 12.19 -13.06
N HIS A 80 -7.55 10.88 -13.29
CA HIS A 80 -7.87 10.30 -14.62
C HIS A 80 -8.59 8.97 -14.46
N ASN A 81 -9.42 8.62 -15.42
CA ASN A 81 -10.06 7.29 -15.47
C ASN A 81 -8.97 6.23 -15.52
N ALA A 82 -9.14 5.20 -14.69
CA ALA A 82 -8.16 4.13 -14.41
C ALA A 82 -8.85 2.79 -14.57
N TYR A 83 -8.19 1.90 -15.30
CA TYR A 83 -8.48 0.46 -15.27
C TYR A 83 -7.75 -0.14 -14.07
N ILE A 84 -8.17 -1.33 -13.65
CA ILE A 84 -7.55 -2.06 -12.51
C ILE A 84 -6.80 -3.24 -13.09
N TYR A 85 -5.52 -3.35 -12.75
CA TYR A 85 -4.57 -4.26 -13.42
C TYR A 85 -4.14 -5.38 -12.47
N TRP A 86 -4.04 -6.56 -13.06
CA TRP A 86 -3.43 -7.76 -12.42
C TRP A 86 -1.93 -7.67 -12.67
N SER A 87 -1.54 -7.29 -13.88
CA SER A 87 -0.12 -7.23 -14.28
C SER A 87 0.08 -6.13 -15.32
N SER A 88 1.28 -5.97 -15.86
CA SER A 88 1.62 -4.96 -16.88
C SER A 88 0.53 -4.88 -17.95
N TYR A 89 0.13 -6.00 -18.54
N TYR A 89 0.13 -6.02 -18.52
CA TYR A 89 -0.76 -6.01 -19.73
CA TYR A 89 -0.71 -6.08 -19.74
C TYR A 89 -2.07 -6.75 -19.45
C TYR A 89 -2.14 -6.57 -19.45
N ARG A 90 -2.51 -6.87 -18.20
CA ARG A 90 -3.74 -7.61 -17.94
C ARG A 90 -4.55 -6.93 -16.86
N ARG A 91 -5.77 -6.62 -17.24
CA ARG A 91 -6.75 -6.08 -16.27
C ARG A 91 -7.17 -7.21 -15.37
N THR A 92 -7.36 -6.84 -14.12
CA THR A 92 -7.97 -7.71 -13.09
C THR A 92 -9.26 -8.22 -13.72
N PRO A 93 -9.45 -9.56 -13.80
CA PRO A 93 -10.60 -10.13 -14.51
C PRO A 93 -11.90 -9.70 -13.82
N GLY A 94 -12.85 -9.28 -14.67
CA GLY A 94 -14.22 -8.88 -14.30
C GLY A 94 -14.34 -7.47 -13.75
N THR A 95 -13.22 -6.75 -13.62
CA THR A 95 -13.20 -5.36 -13.07
C THR A 95 -13.55 -4.33 -14.14
N GLY A 96 -14.19 -3.24 -13.70
CA GLY A 96 -14.50 -2.11 -14.57
C GLY A 96 -13.43 -1.03 -14.52
N LYS A 97 -13.87 0.21 -14.38
CA LYS A 97 -12.94 1.36 -14.28
C LYS A 97 -13.33 2.18 -13.07
N MET A 98 -12.35 2.90 -12.59
CA MET A 98 -12.56 3.99 -11.62
C MET A 98 -12.36 5.31 -12.37
N TYR A 99 -13.11 6.32 -11.94
CA TYR A 99 -13.35 7.60 -12.64
C TYR A 99 -12.55 8.70 -11.95
N ARG A 100 -11.92 9.58 -12.74
CA ARG A 100 -11.45 10.90 -12.29
C ARG A 100 -12.38 11.34 -11.14
N GLY A 101 -11.84 11.65 -9.97
CA GLY A 101 -12.60 12.20 -8.82
C GLY A 101 -12.95 11.16 -7.76
N GLN A 102 -12.91 9.87 -8.09
CA GLN A 102 -13.10 8.80 -7.07
C GLN A 102 -11.84 8.67 -6.21
N THR A 103 -12.10 8.31 -4.97
CA THR A 103 -11.10 8.08 -3.91
C THR A 103 -10.80 6.56 -3.86
N VAL A 104 -9.54 6.23 -3.65
CA VAL A 104 -8.97 4.85 -3.72
C VAL A 104 -8.05 4.73 -2.51
N THR A 105 -8.08 3.63 -1.75
CA THR A 105 -6.99 3.36 -0.78
C THR A 105 -5.86 2.62 -1.50
N THR A 106 -4.65 3.18 -1.50
CA THR A 106 -3.45 2.50 -2.00
C THR A 106 -2.64 2.08 -0.79
N TYR A 107 -1.76 1.09 -0.94
CA TYR A 107 -0.83 0.66 0.13
C TYR A 107 0.60 0.64 -0.41
N GLY A 108 1.50 1.18 0.37
CA GLY A 108 2.94 1.12 0.08
C GLY A 108 3.41 2.12 -0.96
N PRO A 109 4.71 2.12 -1.22
CA PRO A 109 5.27 2.91 -2.29
C PRO A 109 4.82 2.39 -3.67
N GLN A 110 5.16 3.19 -4.66
CA GLN A 110 4.93 2.86 -6.08
C GLN A 110 5.82 1.66 -6.38
N MET A 111 5.29 0.73 -7.15
CA MET A 111 5.94 -0.55 -7.51
C MET A 111 6.19 -0.54 -9.01
N LYS A 112 7.39 -0.88 -9.46
CA LYS A 112 7.74 -0.82 -10.89
C LYS A 112 7.50 -2.18 -11.52
N PHE A 113 6.54 -2.28 -12.42
CA PHE A 113 6.26 -3.53 -13.15
C PHE A 113 7.29 -3.70 -14.27
N LYS A 114 7.21 -4.82 -14.97
CA LYS A 114 8.17 -5.24 -16.03
C LYS A 114 8.03 -4.35 -17.26
N ASN A 115 6.86 -3.72 -17.44
CA ASN A 115 6.64 -2.70 -18.51
C ASN A 115 7.48 -1.45 -18.22
N GLY A 116 8.10 -1.29 -17.05
CA GLY A 116 8.81 -0.06 -16.65
C GLY A 116 7.92 1.00 -16.00
N LYS A 117 6.62 0.79 -15.90
CA LYS A 117 5.71 1.80 -15.33
C LYS A 117 5.45 1.51 -13.86
N LYS A 118 4.99 2.51 -13.13
CA LYS A 118 4.83 2.43 -11.66
C LYS A 118 3.36 2.22 -11.35
N TYR A 119 3.09 1.43 -10.32
CA TYR A 119 1.71 1.11 -9.91
C TYR A 119 1.55 1.26 -8.39
N TYR A 120 0.32 1.44 -7.96
CA TYR A 120 -0.07 1.38 -6.53
C TYR A 120 -0.92 0.14 -6.33
N ARG A 121 -0.57 -0.69 -5.36
CA ARG A 121 -1.46 -1.76 -4.89
C ARG A 121 -2.68 -1.09 -4.24
N ILE A 122 -3.89 -1.58 -4.47
CA ILE A 122 -5.10 -0.89 -3.97
C ILE A 122 -5.91 -1.84 -3.12
N GLU A 123 -6.91 -1.32 -2.41
CA GLU A 123 -7.74 -2.15 -1.51
C GLU A 123 -8.24 -3.37 -2.28
N GLY A 124 -8.17 -4.54 -1.63
CA GLY A 124 -8.71 -5.80 -2.14
C GLY A 124 -7.64 -6.66 -2.78
N CYS A 125 -6.44 -6.11 -3.02
CA CYS A 125 -5.36 -6.86 -3.71
C CYS A 125 -5.00 -8.07 -2.84
N ARG A 126 -5.09 -9.27 -3.41
CA ARG A 126 -4.57 -10.54 -2.83
C ARG A 126 -3.94 -11.35 -3.97
N ASN A 127 -3.32 -12.47 -3.64
CA ASN A 127 -2.43 -13.20 -4.58
C ASN A 127 -3.30 -13.80 -5.69
N ASN A 128 -4.53 -14.18 -5.37
CA ASN A 128 -5.54 -14.74 -6.29
C ASN A 128 -6.47 -13.63 -6.82
N ASN A 129 -6.28 -12.36 -6.43
CA ASN A 129 -7.14 -11.22 -6.87
C ASN A 129 -6.29 -9.95 -6.94
N LYS A 130 -5.28 -9.98 -7.80
CA LYS A 130 -4.31 -8.87 -7.89
C LYS A 130 -5.00 -7.60 -8.43
N ARG A 131 -4.84 -6.47 -7.73
CA ARG A 131 -5.48 -5.17 -8.03
C ARG A 131 -4.48 -4.04 -7.82
N TYR A 132 -4.05 -3.46 -8.94
CA TYR A 132 -3.11 -2.32 -9.05
C TYR A 132 -3.75 -1.23 -9.94
N ILE A 133 -3.45 0.02 -9.63
CA ILE A 133 -3.72 1.19 -10.52
C ILE A 133 -2.40 1.85 -10.95
N LYS A 134 -2.26 2.22 -12.23
CA LYS A 134 -1.09 3.00 -12.71
C LYS A 134 -0.94 4.27 -11.84
N ALA A 135 0.28 4.56 -11.39
CA ALA A 135 0.54 5.71 -10.51
C ALA A 135 0.15 7.01 -11.23
N VAL A 136 0.54 7.19 -12.49
CA VAL A 136 0.26 8.44 -13.26
C VAL A 136 -1.20 8.83 -13.10
N ASN A 137 -2.13 7.91 -12.88
CA ASN A 137 -3.55 8.29 -12.80
C ASN A 137 -3.86 9.11 -11.55
N PHE A 138 -2.87 9.35 -10.69
CA PHE A 138 -3.05 10.23 -9.49
C PHE A 138 -2.37 11.60 -9.68
N TYR A 139 -1.73 11.81 -10.82
CA TYR A 139 -1.10 13.10 -11.17
C TYR A 139 -1.94 13.88 -12.21
N HIS A 140 -1.93 15.22 -12.16
CA HIS A 140 -2.53 16.09 -13.20
C HIS A 140 -1.80 15.85 -14.54
N HIS A 141 -0.50 16.08 -14.60
CA HIS A 141 0.14 16.25 -15.93
C HIS A 141 0.31 14.90 -16.62
N HIS A 142 -0.25 14.71 -17.80
CA HIS A 142 0.07 13.53 -18.66
C HIS A 142 0.77 13.97 -19.95
N HIS A 143 2.03 14.37 -19.88
CA HIS A 143 2.72 14.92 -21.09
C HIS A 143 3.29 13.77 -21.96
N HIS A 144 2.82 12.52 -21.74
CA HIS A 144 3.43 11.25 -22.21
C HIS A 144 2.53 10.54 -23.26
N HIS A 145 1.23 10.90 -23.36
CA HIS A 145 0.24 10.30 -24.31
C HIS A 145 0.63 10.58 -25.79
#